data_8D2B
#
_entry.id   8D2B
#
_cell.length_a   23.074
_cell.length_b   29.567
_cell.length_c   80.309
_cell.angle_alpha   95.660
_cell.angle_beta   91.510
_cell.angle_gamma   109.960
#
_symmetry.space_group_name_H-M   'P 1'
#
loop_
_entity.id
_entity.type
_entity.pdbx_description
1 polymer 'RNA (33-MER)'
2 non-polymer 6-methoxy-7-[3-(piperidin-1-yl)propoxy]quinazolin-4-ol
3 non-polymer 'MAGNESIUM ION'
4 non-polymer 'SODIUM ION'
5 water water
#
_entity_poly.entity_id   1
_entity_poly.type   'polyribonucleotide'
_entity_poly.pdbx_seq_one_letter_code
;GGCGAUACCAGCCGAAAGGCCCUUGGCAGCGCC
;
_entity_poly.pdbx_strand_id   A,B
#